data_4ZKJ
#
_entry.id   4ZKJ
#
_cell.length_a   95.205
_cell.length_b   95.205
_cell.length_c   210.843
_cell.angle_alpha   90.00
_cell.angle_beta   90.00
_cell.angle_gamma   120.00
#
_symmetry.space_group_name_H-M   'P 31 2 1'
#
loop_
_entity.id
_entity.type
_entity.pdbx_description
1 polymer 'CRISPR-associated protein Cas1'
2 non-polymer GLYCEROL
3 water water
#
_entity_poly.entity_id   1
_entity_poly.type   'polypeptide(L)'
_entity_poly.pdbx_seq_one_letter_code
;GH(MSE)AGWRTVVVNTHSKLSYKNNHLIFKDAYKTELIHLSEIDILLLETTDIVLST(MSE)LVKRLVDENVLVIFCDD
KRLPTA(MSE)L(MSE)PFYGRHDSSLQLGKQ(MSE)SWSETVKSQVWTTIIAQKILNQSCYLGACSYFEKSQSI(MSE)
DLYHGLENFDPSNREGHAARIYFNTLFGNDFSRDLEHPINAGLDYGYTLLLS(MSE)FAREVVVSGC(MSE)TQFGLKHA
NQFNQFNFASDI(MSE)EPFRPLVDKIVYENRNQPFPKIKRELFTLFSDTFSYNGKE(MSE)YLTNIISDYTKKVVKALN
NEGKGVPEFRI
;
_entity_poly.pdbx_strand_id   A,B
#
loop_
_chem_comp.id
_chem_comp.type
_chem_comp.name
_chem_comp.formula
GOL non-polymer GLYCEROL 'C3 H8 O3'
#
# COMPACT_ATOMS: atom_id res chain seq x y z
N MSE A 3 12.23 15.73 -7.84
CA MSE A 3 13.05 16.92 -8.03
C MSE A 3 12.90 17.44 -9.44
O MSE A 3 12.45 18.60 -9.66
CB MSE A 3 14.49 16.50 -7.79
CG MSE A 3 14.80 16.26 -6.33
SE MSE A 3 15.04 18.05 -5.61
CE MSE A 3 15.46 17.82 -3.70
N ALA A 4 13.25 16.60 -10.42
CA ALA A 4 13.26 17.01 -11.82
C ALA A 4 12.09 16.42 -12.57
N GLY A 5 11.64 17.15 -13.58
CA GLY A 5 10.56 16.68 -14.45
C GLY A 5 9.25 17.21 -13.96
N TRP A 6 8.59 16.45 -13.12
CA TRP A 6 7.40 16.93 -12.42
C TRP A 6 7.65 18.21 -11.69
N ARG A 7 6.66 19.06 -11.67
CA ARG A 7 6.79 20.28 -10.94
C ARG A 7 6.84 19.89 -9.44
N THR A 8 7.91 20.24 -8.77
CA THR A 8 8.19 19.81 -7.46
C THR A 8 8.39 21.04 -6.63
N VAL A 9 7.55 21.24 -5.61
CA VAL A 9 7.79 22.36 -4.69
C VAL A 9 8.51 21.79 -3.44
N VAL A 10 9.68 22.38 -3.10
CA VAL A 10 10.54 21.96 -1.98
C VAL A 10 10.41 22.96 -0.93
N VAL A 11 10.00 22.52 0.27
CA VAL A 11 10.00 23.43 1.36
C VAL A 11 11.03 22.92 2.34
N ASN A 12 11.93 23.81 2.74
CA ASN A 12 13.04 23.45 3.62
C ASN A 12 13.46 24.58 4.51
N THR A 13 12.58 25.50 4.76
CA THR A 13 12.89 26.54 5.68
C THR A 13 11.71 26.73 6.63
N HIS A 14 11.93 27.55 7.62
CA HIS A 14 11.02 27.78 8.68
C HIS A 14 9.81 28.54 8.08
N SER A 15 8.65 27.91 8.08
CA SER A 15 7.54 28.48 7.35
C SER A 15 6.19 27.91 7.70
N LYS A 16 5.17 28.55 7.17
CA LYS A 16 3.82 28.14 7.36
C LYS A 16 3.17 27.90 5.99
N LEU A 17 2.60 26.73 5.77
CA LEU A 17 1.84 26.43 4.58
C LEU A 17 0.36 26.45 4.89
N SER A 18 -0.42 27.20 4.08
CA SER A 18 -1.86 27.24 4.13
C SER A 18 -2.52 27.17 2.73
N TYR A 19 -3.84 27.29 2.70
CA TYR A 19 -4.61 27.13 1.52
C TYR A 19 -5.63 28.24 1.42
N LYS A 20 -5.70 28.82 0.24
CA LYS A 20 -6.76 29.82 -0.08
C LYS A 20 -6.96 29.94 -1.58
N ASN A 21 -8.20 29.89 -2.04
CA ASN A 21 -8.50 30.16 -3.49
C ASN A 21 -7.66 29.38 -4.49
N ASN A 22 -7.67 28.07 -4.36
CA ASN A 22 -6.91 27.18 -5.20
C ASN A 22 -5.45 27.33 -5.21
N HIS A 23 -4.89 28.00 -4.21
CA HIS A 23 -3.44 28.18 -4.11
C HIS A 23 -2.92 27.54 -2.81
N LEU A 24 -1.76 26.98 -2.93
CA LEU A 24 -0.87 26.84 -1.87
C LEU A 24 -0.25 28.15 -1.49
N ILE A 25 -0.31 28.50 -0.21
CA ILE A 25 0.29 29.69 0.34
C ILE A 25 1.44 29.35 1.28
N PHE A 26 2.63 29.87 0.97
CA PHE A 26 3.82 29.74 1.74
C PHE A 26 4.16 31.09 2.39
N LYS A 27 4.38 31.13 3.70
CA LYS A 27 4.78 32.33 4.42
C LYS A 27 6.01 32.03 5.27
N ASP A 28 7.02 32.87 5.17
CA ASP A 28 8.17 32.88 6.07
C ASP A 28 8.42 34.28 6.51
N ALA A 29 9.55 34.57 7.12
CA ALA A 29 9.65 35.88 7.75
C ALA A 29 9.88 36.95 6.70
N TYR A 30 10.37 36.55 5.53
CA TYR A 30 10.74 37.42 4.40
C TYR A 30 9.65 37.68 3.32
N LYS A 31 8.92 36.63 2.91
CA LYS A 31 7.94 36.68 1.84
C LYS A 31 6.69 35.81 2.02
N THR A 32 5.69 36.06 1.15
CA THR A 32 4.58 35.20 0.93
C THR A 32 4.65 34.72 -0.51
N GLU A 33 4.44 33.44 -0.74
CA GLU A 33 4.31 32.92 -2.06
C GLU A 33 2.99 32.18 -2.24
N LEU A 34 2.39 32.35 -3.43
CA LEU A 34 1.18 31.71 -3.82
C LEU A 34 1.47 30.92 -5.07
N ILE A 35 1.04 29.66 -5.08
CA ILE A 35 1.21 28.73 -6.18
C ILE A 35 -0.05 27.96 -6.40
N HIS A 36 -0.49 27.91 -7.64
CA HIS A 36 -1.75 27.30 -8.01
C HIS A 36 -1.58 25.77 -7.80
N LEU A 37 -2.48 25.17 -7.05
CA LEU A 37 -2.36 23.75 -6.69
C LEU A 37 -2.31 22.82 -7.85
N SER A 38 -3.11 23.13 -8.87
CA SER A 38 -3.08 22.36 -10.12
C SER A 38 -1.73 22.38 -10.82
N GLU A 39 -0.80 23.19 -10.39
CA GLU A 39 0.49 23.14 -11.02
C GLU A 39 1.48 22.27 -10.29
N ILE A 40 1.15 21.81 -9.07
CA ILE A 40 2.10 21.07 -8.26
C ILE A 40 1.89 19.60 -8.49
N ASP A 41 2.95 18.93 -8.75
CA ASP A 41 2.90 17.48 -8.82
C ASP A 41 3.39 16.80 -7.51
N ILE A 42 4.41 17.38 -6.91
CA ILE A 42 4.99 16.85 -5.74
C ILE A 42 5.32 17.96 -4.79
N LEU A 43 4.91 17.77 -3.55
CA LEU A 43 5.28 18.69 -2.49
C LEU A 43 6.17 17.91 -1.54
N LEU A 44 7.38 18.39 -1.40
CA LEU A 44 8.39 17.76 -0.59
C LEU A 44 8.67 18.59 0.61
N LEU A 45 8.33 18.11 1.78
CA LEU A 45 8.46 18.87 2.99
C LEU A 45 9.66 18.32 3.72
N GLU A 46 10.77 18.99 3.60
CA GLU A 46 12.02 18.35 3.92
C GLU A 46 12.51 18.52 5.33
N THR A 47 12.05 19.55 5.99
CA THR A 47 12.53 19.88 7.25
C THR A 47 11.41 19.88 8.30
N THR A 48 11.81 20.02 9.57
CA THR A 48 10.94 19.88 10.71
C THR A 48 10.44 21.15 11.24
N ASP A 49 10.72 22.25 10.58
CA ASP A 49 10.29 23.58 11.07
C ASP A 49 9.20 24.14 10.09
N ILE A 50 8.39 23.24 9.52
CA ILE A 50 7.22 23.65 8.71
C ILE A 50 5.88 23.40 9.46
N VAL A 51 4.97 24.38 9.47
CA VAL A 51 3.62 24.17 9.92
C VAL A 51 2.65 24.14 8.68
N LEU A 52 1.67 23.24 8.64
CA LEU A 52 0.66 23.19 7.60
C LEU A 52 -0.68 22.95 8.15
N SER A 53 -1.69 23.28 7.36
CA SER A 53 -3.03 23.14 7.77
C SER A 53 -3.68 21.91 7.23
N THR A 54 -4.72 21.44 7.88
CA THR A 54 -5.42 20.27 7.38
C THR A 54 -6.31 20.62 6.23
N MSE A 55 -6.68 21.88 6.05
CA MSE A 55 -7.38 22.31 4.85
C MSE A 55 -6.44 22.16 3.65
O MSE A 55 -6.84 21.67 2.64
CB MSE A 55 -7.80 23.76 4.96
CG MSE A 55 -8.55 24.29 3.71
SE MSE A 55 -10.20 23.37 3.26
CE MSE A 55 -11.19 24.45 4.48
N LEU A 56 -5.18 22.54 3.78
CA LEU A 56 -4.25 22.39 2.74
C LEU A 56 -4.11 20.93 2.47
N VAL A 57 -3.96 20.12 3.51
CA VAL A 57 -3.79 18.72 3.28
C VAL A 57 -4.99 18.18 2.48
N LYS A 58 -6.19 18.53 2.92
CA LYS A 58 -7.38 18.03 2.23
C LYS A 58 -7.30 18.40 0.71
N ARG A 59 -7.00 19.65 0.41
CA ARG A 59 -6.95 20.11 -1.01
C ARG A 59 -5.82 19.50 -1.83
N LEU A 60 -4.67 19.26 -1.18
CA LEU A 60 -3.63 18.54 -1.83
C LEU A 60 -4.06 17.15 -2.26
N VAL A 61 -4.72 16.46 -1.35
CA VAL A 61 -5.14 15.08 -1.65
C VAL A 61 -6.25 15.14 -2.74
N ASP A 62 -7.17 16.10 -2.63
CA ASP A 62 -8.16 16.27 -3.71
C ASP A 62 -7.49 16.45 -5.07
N GLU A 63 -6.38 17.20 -5.15
CA GLU A 63 -5.73 17.44 -6.44
C GLU A 63 -4.70 16.33 -6.81
N ASN A 64 -4.65 15.22 -6.08
CA ASN A 64 -3.62 14.19 -6.30
C ASN A 64 -2.19 14.70 -6.34
N VAL A 65 -1.83 15.66 -5.50
CA VAL A 65 -0.46 16.01 -5.35
C VAL A 65 0.20 14.94 -4.47
N LEU A 66 1.35 14.43 -4.86
CA LEU A 66 2.17 13.58 -4.03
C LEU A 66 2.86 14.41 -2.96
N VAL A 67 2.47 14.21 -1.73
CA VAL A 67 2.98 14.94 -0.59
C VAL A 67 3.87 13.99 0.23
N ILE A 68 5.12 14.38 0.40
CA ILE A 68 6.15 13.55 1.02
C ILE A 68 6.74 14.27 2.20
N PHE A 69 6.78 13.61 3.36
CA PHE A 69 7.41 14.14 4.61
C PHE A 69 8.76 13.44 4.76
N CYS A 70 9.76 14.09 5.34
CA CYS A 70 11.12 13.56 5.31
C CYS A 70 11.69 13.12 6.65
N ASP A 71 12.80 12.35 6.54
CA ASP A 71 13.66 11.96 7.72
C ASP A 71 14.52 13.15 8.18
N ASP A 72 15.38 12.87 9.19
CA ASP A 72 16.21 13.87 9.84
C ASP A 72 17.29 14.28 8.89
N LYS A 73 17.48 13.54 7.80
CA LYS A 73 18.40 13.90 6.73
C LYS A 73 17.75 14.46 5.50
N ARG A 74 16.47 14.88 5.58
CA ARG A 74 15.80 15.48 4.44
C ARG A 74 15.55 14.47 3.26
N LEU A 75 15.43 13.20 3.56
CA LEU A 75 15.08 12.25 2.54
C LEU A 75 13.67 11.74 2.74
N PRO A 76 12.97 11.46 1.59
CA PRO A 76 11.60 10.95 1.64
C PRO A 76 11.43 9.81 2.59
N THR A 77 10.44 9.90 3.47
CA THR A 77 10.11 8.91 4.49
C THR A 77 8.63 8.60 4.82
N ALA A 78 7.67 9.46 4.45
CA ALA A 78 6.26 9.07 4.51
C ALA A 78 5.54 9.91 3.52
N MSE A 79 4.36 9.48 3.12
CA MSE A 79 3.57 10.30 2.21
C MSE A 79 2.16 10.32 2.63
O MSE A 79 1.80 9.49 3.41
CB MSE A 79 3.67 9.64 0.85
CG MSE A 79 2.98 8.29 0.74
SE MSE A 79 3.00 7.54 -1.09
CE MSE A 79 1.17 6.86 -1.28
N LEU A 80 1.34 11.24 2.12
CA LEU A 80 -0.12 11.16 2.27
C LEU A 80 -0.58 10.08 1.31
N MSE A 81 -1.45 9.23 1.82
CA MSE A 81 -2.07 8.18 1.08
C MSE A 81 -3.57 8.26 1.20
O MSE A 81 -4.08 8.11 2.29
CB MSE A 81 -1.58 6.88 1.71
CG MSE A 81 -2.23 5.67 1.05
SE MSE A 81 -1.87 3.98 2.01
CE MSE A 81 -3.56 3.98 2.92
N PRO A 82 -4.29 8.47 0.10
CA PRO A 82 -5.72 8.59 0.13
C PRO A 82 -6.38 7.26 0.36
N PHE A 83 -7.57 7.30 0.97
CA PHE A 83 -8.38 6.10 1.27
C PHE A 83 -9.14 5.62 0.05
N TYR A 84 -9.42 6.53 -0.86
CA TYR A 84 -10.19 6.14 -2.04
C TYR A 84 -9.81 7.11 -3.11
N GLY A 85 -8.88 6.74 -3.98
CA GLY A 85 -8.60 7.52 -5.20
C GLY A 85 -9.56 7.26 -6.36
N SER A 90 -14.10 10.88 -16.27
CA SER A 90 -13.25 10.62 -17.43
C SER A 90 -13.76 9.49 -18.37
N LEU A 91 -14.59 8.62 -17.80
CA LEU A 91 -15.03 7.39 -18.46
C LEU A 91 -13.99 6.26 -18.57
N GLN A 92 -12.83 6.45 -17.92
CA GLN A 92 -11.84 5.39 -17.88
C GLN A 92 -12.34 4.17 -17.11
N LEU A 93 -13.20 4.43 -16.13
CA LEU A 93 -13.79 3.34 -15.38
C LEU A 93 -14.52 2.37 -16.29
N GLY A 94 -15.34 2.90 -17.18
CA GLY A 94 -16.12 2.06 -18.09
C GLY A 94 -15.26 1.41 -19.11
N LYS A 95 -14.27 2.14 -19.57
CA LYS A 95 -13.25 1.52 -20.45
C LYS A 95 -12.54 0.34 -19.80
N GLN A 96 -12.24 0.46 -18.53
CA GLN A 96 -11.48 -0.56 -17.85
C GLN A 96 -12.34 -1.83 -17.68
N MSE A 97 -13.63 -1.64 -17.43
CA MSE A 97 -14.60 -2.72 -17.24
C MSE A 97 -14.74 -3.49 -18.51
O MSE A 97 -15.10 -4.63 -18.52
CB MSE A 97 -15.98 -2.17 -16.95
CG MSE A 97 -16.09 -1.43 -15.63
SE MSE A 97 -17.83 -0.58 -15.27
CE MSE A 97 -18.69 -2.24 -14.89
N SER A 98 -14.41 -2.84 -19.60
CA SER A 98 -14.48 -3.48 -20.88
C SER A 98 -13.18 -4.20 -21.28
N TRP A 99 -12.14 -4.17 -20.44
CA TRP A 99 -10.87 -4.86 -20.78
C TRP A 99 -11.13 -6.36 -20.67
N SER A 100 -10.99 -7.07 -21.75
CA SER A 100 -11.16 -8.53 -21.67
C SER A 100 -10.01 -9.20 -20.88
N GLU A 101 -10.27 -10.41 -20.39
CA GLU A 101 -9.30 -11.25 -19.75
C GLU A 101 -8.09 -11.48 -20.62
N THR A 102 -8.33 -11.70 -21.88
CA THR A 102 -7.29 -12.00 -22.82
C THR A 102 -6.37 -10.80 -22.92
N VAL A 103 -6.95 -9.63 -23.05
CA VAL A 103 -6.16 -8.42 -23.25
C VAL A 103 -5.38 -8.09 -21.98
N LYS A 104 -6.04 -8.19 -20.83
CA LYS A 104 -5.39 -7.96 -19.60
C LYS A 104 -4.17 -8.90 -19.36
N SER A 105 -4.42 -10.19 -19.56
CA SER A 105 -3.45 -11.23 -19.35
C SER A 105 -2.26 -11.02 -20.31
N GLN A 106 -2.56 -10.59 -21.53
CA GLN A 106 -1.54 -10.31 -22.51
C GLN A 106 -0.67 -9.17 -22.07
N VAL A 107 -1.29 -8.05 -21.70
CA VAL A 107 -0.54 -6.86 -21.33
C VAL A 107 0.30 -7.17 -20.07
N TRP A 108 -0.29 -7.86 -19.09
CA TRP A 108 0.40 -8.19 -17.84
C TRP A 108 1.70 -8.95 -18.20
N THR A 109 1.54 -9.91 -19.09
CA THR A 109 2.64 -10.80 -19.48
C THR A 109 3.74 -10.03 -20.17
N THR A 110 3.34 -9.16 -21.06
CA THR A 110 4.31 -8.35 -21.75
C THR A 110 5.08 -7.44 -20.75
N ILE A 111 4.39 -6.89 -19.75
CA ILE A 111 5.05 -5.95 -18.80
C ILE A 111 6.03 -6.71 -17.93
N ILE A 112 5.59 -7.87 -17.41
CA ILE A 112 6.45 -8.68 -16.59
C ILE A 112 7.67 -9.20 -17.40
N ALA A 113 7.44 -9.53 -18.66
CA ALA A 113 8.55 -9.92 -19.51
C ALA A 113 9.59 -8.81 -19.56
N GLN A 114 9.15 -7.54 -19.62
CA GLN A 114 10.09 -6.42 -19.63
C GLN A 114 10.97 -6.42 -18.38
N LYS A 115 10.37 -6.75 -17.26
CA LYS A 115 11.12 -6.78 -16.06
C LYS A 115 12.20 -7.88 -16.11
N ILE A 116 11.79 -9.07 -16.52
CA ILE A 116 12.70 -10.21 -16.61
C ILE A 116 13.85 -9.92 -17.60
N LEU A 117 13.52 -9.36 -18.73
CA LEU A 117 14.50 -8.83 -19.65
C LEU A 117 15.41 -7.83 -18.97
N ASN A 118 14.86 -6.89 -18.17
CA ASN A 118 15.75 -5.89 -17.57
C ASN A 118 16.65 -6.54 -16.55
N GLN A 119 16.10 -7.52 -15.80
CA GLN A 119 16.93 -8.26 -14.86
C GLN A 119 18.14 -8.98 -15.58
N SER A 120 17.87 -9.63 -16.71
CA SER A 120 18.90 -10.20 -17.53
C SER A 120 19.89 -9.15 -18.02
N CYS A 121 19.39 -8.05 -18.55
CA CYS A 121 20.27 -7.04 -19.05
C CYS A 121 21.18 -6.48 -17.97
N TYR A 122 20.67 -6.34 -16.76
CA TYR A 122 21.51 -5.72 -15.73
C TYR A 122 22.61 -6.70 -15.26
N LEU A 123 22.24 -7.96 -15.08
CA LEU A 123 23.25 -8.97 -14.86
C LEU A 123 24.33 -8.93 -16.01
N GLY A 124 23.91 -8.75 -17.22
CA GLY A 124 24.80 -8.56 -18.37
C GLY A 124 25.73 -7.37 -18.20
N ALA A 125 25.22 -6.25 -17.70
CA ALA A 125 26.03 -5.05 -17.55
C ALA A 125 27.04 -5.26 -16.44
N CYS A 126 26.73 -6.11 -15.49
CA CYS A 126 27.69 -6.48 -14.45
C CYS A 126 28.67 -7.67 -14.85
N SER A 127 28.58 -8.13 -16.10
CA SER A 127 29.32 -9.27 -16.64
C SER A 127 29.04 -10.59 -15.97
N TYR A 128 27.87 -10.77 -15.37
CA TYR A 128 27.49 -12.10 -14.93
C TYR A 128 26.83 -12.88 -16.09
N PHE A 129 27.63 -13.23 -17.10
CA PHE A 129 27.01 -13.60 -18.36
C PHE A 129 26.24 -14.92 -18.33
N GLU A 130 26.80 -15.91 -17.65
CA GLU A 130 26.12 -17.18 -17.49
C GLU A 130 24.72 -17.00 -16.82
N LYS A 131 24.72 -16.32 -15.69
CA LYS A 131 23.46 -16.03 -14.98
C LYS A 131 22.49 -15.20 -15.83
N SER A 132 23.02 -14.18 -16.46
CA SER A 132 22.25 -13.39 -17.38
C SER A 132 21.52 -14.24 -18.44
N GLN A 133 22.26 -15.19 -19.04
CA GLN A 133 21.69 -16.07 -20.05
C GLN A 133 20.53 -16.91 -19.47
N SER A 134 20.77 -17.47 -18.29
CA SER A 134 19.81 -18.24 -17.62
C SER A 134 18.44 -17.48 -17.51
N ILE A 135 18.51 -16.19 -17.22
CA ILE A 135 17.32 -15.32 -17.11
C ILE A 135 16.75 -15.06 -18.50
N MSE A 136 17.64 -14.79 -19.47
CA MSE A 136 17.16 -14.57 -20.82
C MSE A 136 16.37 -15.76 -21.28
O MSE A 136 15.39 -15.61 -22.06
CB MSE A 136 18.27 -14.27 -21.78
CG MSE A 136 17.85 -13.79 -23.15
SE MSE A 136 17.13 -11.94 -23.06
CE MSE A 136 18.65 -10.85 -22.61
N ASP A 137 16.79 -16.96 -20.90
CA ASP A 137 16.04 -18.19 -21.27
C ASP A 137 14.66 -18.23 -20.65
N LEU A 138 14.56 -17.80 -19.39
CA LEU A 138 13.27 -17.71 -18.72
C LEU A 138 12.35 -16.66 -19.37
N TYR A 139 12.92 -15.53 -19.72
CA TYR A 139 12.18 -14.52 -20.52
C TYR A 139 11.60 -15.10 -21.80
N HIS A 140 12.42 -15.79 -22.57
CA HIS A 140 11.96 -16.41 -23.86
C HIS A 140 10.95 -17.51 -23.64
N GLY A 141 11.05 -18.22 -22.53
CA GLY A 141 10.03 -19.20 -22.20
C GLY A 141 8.71 -18.74 -21.60
N LEU A 142 8.62 -17.45 -21.29
CA LEU A 142 7.48 -16.93 -20.49
C LEU A 142 6.14 -17.12 -21.19
N GLU A 143 5.17 -17.70 -20.50
CA GLU A 143 3.85 -17.93 -21.09
C GLU A 143 2.86 -16.98 -20.42
N ASN A 144 1.70 -16.82 -21.05
CA ASN A 144 0.59 -16.03 -20.56
C ASN A 144 0.28 -16.26 -19.11
N PHE A 145 0.37 -15.19 -18.31
CA PHE A 145 0.12 -15.21 -16.85
C PHE A 145 1.14 -15.97 -16.02
N ASP A 146 2.14 -16.48 -16.68
CA ASP A 146 3.24 -17.19 -16.01
C ASP A 146 2.85 -18.12 -14.87
N PRO A 147 1.96 -19.07 -15.10
CA PRO A 147 1.55 -20.04 -14.06
C PRO A 147 2.65 -20.94 -13.48
N SER A 148 3.69 -21.26 -14.23
CA SER A 148 4.83 -22.01 -13.65
C SER A 148 5.85 -21.15 -12.93
N ASN A 149 5.61 -19.83 -12.86
CA ASN A 149 6.41 -18.93 -12.02
C ASN A 149 7.89 -18.88 -12.46
N ARG A 150 8.08 -18.69 -13.76
CA ARG A 150 9.35 -18.36 -14.32
C ARG A 150 9.89 -17.06 -13.78
N GLU A 151 8.99 -16.14 -13.48
CA GLU A 151 9.44 -14.85 -12.98
C GLU A 151 10.09 -15.02 -11.64
N GLY A 152 9.54 -15.90 -10.82
CA GLY A 152 10.14 -16.16 -9.49
C GLY A 152 11.52 -16.82 -9.56
N HIS A 153 11.64 -17.74 -10.52
CA HIS A 153 12.89 -18.45 -10.75
C HIS A 153 13.92 -17.37 -11.21
N ALA A 154 13.52 -16.54 -12.16
CA ALA A 154 14.40 -15.50 -12.61
C ALA A 154 14.85 -14.58 -11.47
N ALA A 155 13.94 -14.30 -10.56
CA ALA A 155 14.30 -13.40 -9.45
C ALA A 155 15.27 -14.02 -8.45
N ARG A 156 15.05 -15.29 -8.17
CA ARG A 156 15.91 -16.04 -7.28
C ARG A 156 17.34 -16.04 -7.90
N ILE A 157 17.45 -16.33 -9.18
CA ILE A 157 18.74 -16.25 -9.84
C ILE A 157 19.36 -14.86 -9.76
N TYR A 158 18.55 -13.86 -10.07
CA TYR A 158 18.97 -12.46 -10.11
C TYR A 158 19.47 -11.94 -8.77
N PHE A 159 18.65 -12.06 -7.73
CA PHE A 159 18.97 -11.53 -6.44
C PHE A 159 20.12 -12.33 -5.80
N ASN A 160 20.13 -13.65 -5.96
CA ASN A 160 21.25 -14.49 -5.46
C ASN A 160 22.54 -14.13 -6.12
N THR A 161 22.53 -13.89 -7.42
CA THR A 161 23.73 -13.47 -8.11
C THR A 161 24.23 -12.10 -7.61
N LEU A 162 23.34 -11.11 -7.55
CA LEU A 162 23.74 -9.79 -7.05
C LEU A 162 24.17 -9.75 -5.57
N PHE A 163 23.46 -10.39 -4.68
CA PHE A 163 23.61 -10.13 -3.23
C PHE A 163 24.11 -11.35 -2.46
N GLY A 164 24.19 -12.50 -3.14
CA GLY A 164 24.66 -13.75 -2.54
C GLY A 164 23.51 -14.61 -2.09
N ASN A 165 23.72 -15.90 -1.94
CA ASN A 165 22.63 -16.79 -1.56
C ASN A 165 22.26 -16.58 -0.10
N ASP A 166 20.97 -16.76 0.18
CA ASP A 166 20.42 -16.56 1.52
C ASP A 166 20.68 -15.15 2.08
N PHE A 167 20.88 -14.14 1.22
CA PHE A 167 21.14 -12.74 1.67
C PHE A 167 20.02 -12.17 2.57
N SER A 168 18.78 -12.64 2.35
CA SER A 168 17.64 -12.21 3.20
C SER A 168 17.87 -12.56 4.67
N ARG A 169 18.64 -13.60 4.96
CA ARG A 169 18.97 -13.93 6.35
C ARG A 169 20.13 -13.14 6.93
N ASP A 170 20.87 -12.40 6.11
CA ASP A 170 21.95 -11.54 6.62
C ASP A 170 21.52 -10.13 7.01
N LEU A 171 21.31 -9.93 8.31
CA LEU A 171 20.68 -8.72 8.80
C LEU A 171 21.64 -7.60 8.91
N GLU A 172 22.94 -7.86 8.80
CA GLU A 172 23.93 -6.82 8.94
C GLU A 172 24.02 -5.95 7.70
N HIS A 173 23.53 -6.45 6.56
CA HIS A 173 23.44 -5.62 5.34
C HIS A 173 21.96 -5.38 5.03
N PRO A 174 21.52 -4.13 5.08
CA PRO A 174 20.08 -3.81 4.95
C PRO A 174 19.64 -3.76 3.45
N ILE A 175 19.80 -4.88 2.75
CA ILE A 175 19.54 -4.96 1.34
C ILE A 175 18.03 -4.85 1.02
N ASN A 176 17.22 -5.66 1.71
CA ASN A 176 15.83 -5.69 1.49
C ASN A 176 15.16 -4.39 1.90
N ALA A 177 15.61 -3.78 3.01
CA ALA A 177 15.06 -2.46 3.43
C ALA A 177 15.39 -1.45 2.33
N GLY A 178 16.61 -1.53 1.80
CA GLY A 178 17.04 -0.67 0.72
C GLY A 178 16.20 -0.87 -0.56
N LEU A 179 15.99 -2.15 -0.97
CA LEU A 179 15.27 -2.43 -2.18
C LEU A 179 13.79 -1.92 -2.00
N ASP A 180 13.17 -2.33 -0.92
CA ASP A 180 11.82 -1.91 -0.57
C ASP A 180 11.66 -0.38 -0.50
N TYR A 181 12.63 0.33 0.04
CA TYR A 181 12.58 1.78 0.08
C TYR A 181 12.52 2.34 -1.32
N GLY A 182 13.36 1.81 -2.19
CA GLY A 182 13.30 2.21 -3.57
C GLY A 182 11.95 1.89 -4.25
N TYR A 183 11.45 0.70 -3.99
CA TYR A 183 10.27 0.26 -4.65
C TYR A 183 9.09 1.16 -4.16
N THR A 184 9.12 1.56 -2.90
CA THR A 184 8.08 2.41 -2.34
C THR A 184 8.13 3.78 -3.04
N LEU A 185 9.34 4.30 -3.31
CA LEU A 185 9.45 5.56 -4.05
C LEU A 185 8.87 5.40 -5.43
N LEU A 186 9.25 4.33 -6.12
CA LEU A 186 8.68 4.12 -7.43
C LEU A 186 7.11 4.00 -7.36
N LEU A 187 6.65 3.26 -6.38
CA LEU A 187 5.28 2.93 -6.27
C LEU A 187 4.46 4.24 -6.03
N SER A 188 5.05 5.16 -5.33
CA SER A 188 4.36 6.37 -4.96
C SER A 188 4.05 7.16 -6.21
N MSE A 189 4.97 7.19 -7.14
CA MSE A 189 4.78 7.89 -8.36
C MSE A 189 3.87 7.14 -9.33
O MSE A 189 3.06 7.78 -9.95
CB MSE A 189 6.15 8.20 -8.92
CG MSE A 189 6.85 9.37 -8.20
SE MSE A 189 8.64 9.35 -8.97
CE MSE A 189 9.26 7.55 -8.61
N PHE A 190 3.99 5.83 -9.49
CA PHE A 190 3.05 5.07 -10.33
C PHE A 190 1.63 5.13 -9.79
N ALA A 191 1.47 4.98 -8.51
CA ALA A 191 0.13 5.04 -7.97
C ALA A 191 -0.57 6.39 -8.29
N ARG A 192 0.17 7.46 -8.20
CA ARG A 192 -0.31 8.73 -8.56
C ARG A 192 -0.74 8.74 -9.99
N GLU A 193 0.07 8.20 -10.92
CA GLU A 193 -0.31 8.23 -12.34
C GLU A 193 -1.50 7.33 -12.64
N VAL A 194 -1.64 6.25 -11.90
CA VAL A 194 -2.83 5.42 -12.07
C VAL A 194 -4.12 6.16 -11.63
N VAL A 195 -4.08 6.81 -10.48
CA VAL A 195 -5.20 7.65 -10.04
C VAL A 195 -5.54 8.70 -11.10
N VAL A 196 -4.54 9.39 -11.60
CA VAL A 196 -4.77 10.42 -12.56
C VAL A 196 -5.39 9.86 -13.85
N SER A 197 -5.03 8.63 -14.27
CA SER A 197 -5.59 8.05 -15.47
C SER A 197 -7.12 7.82 -15.37
N GLY A 198 -7.65 7.80 -14.16
CA GLY A 198 -9.05 7.47 -13.95
C GLY A 198 -9.35 6.00 -13.66
N CYS A 199 -8.35 5.13 -13.62
CA CYS A 199 -8.61 3.72 -13.42
C CYS A 199 -8.90 3.42 -11.98
N MSE A 200 -9.52 2.28 -11.75
CA MSE A 200 -9.75 1.79 -10.41
C MSE A 200 -8.45 1.18 -9.93
O MSE A 200 -7.83 0.38 -10.62
CB MSE A 200 -10.82 0.74 -10.41
CG MSE A 200 -12.31 1.21 -10.50
SE MSE A 200 -13.56 -0.33 -10.82
CE MSE A 200 -13.09 -1.02 -12.56
N THR A 201 -7.98 1.62 -8.80
CA THR A 201 -6.60 1.41 -8.42
C THR A 201 -6.34 0.07 -7.82
N GLN A 202 -7.37 -0.53 -7.26
CA GLN A 202 -7.30 -1.80 -6.58
C GLN A 202 -7.46 -2.98 -7.48
N PHE A 203 -7.84 -2.74 -8.72
CA PHE A 203 -7.95 -3.82 -9.70
C PHE A 203 -6.83 -3.72 -10.70
N GLY A 204 -6.00 -4.75 -10.70
CA GLY A 204 -4.87 -4.81 -11.57
C GLY A 204 -5.21 -5.76 -12.71
N LEU A 205 -4.19 -6.36 -13.28
CA LEU A 205 -4.35 -7.15 -14.49
C LEU A 205 -4.38 -8.65 -14.20
N LYS A 206 -3.99 -9.06 -12.99
CA LYS A 206 -3.88 -10.48 -12.62
C LYS A 206 -4.35 -10.83 -11.23
N HIS A 207 -3.83 -10.13 -10.21
CA HIS A 207 -4.18 -10.48 -8.83
C HIS A 207 -5.64 -10.04 -8.47
N ALA A 208 -6.45 -10.96 -7.94
CA ALA A 208 -7.83 -10.65 -7.58
C ALA A 208 -8.18 -11.00 -6.14
N ASN A 209 -7.48 -11.96 -5.54
CA ASN A 209 -7.88 -12.47 -4.25
C ASN A 209 -7.48 -11.56 -3.12
N GLN A 210 -6.18 -11.27 -3.03
CA GLN A 210 -5.64 -10.52 -1.93
C GLN A 210 -5.90 -9.01 -2.16
N PHE A 211 -6.31 -8.27 -1.14
CA PHE A 211 -6.45 -6.85 -1.29
C PHE A 211 -5.06 -6.17 -1.38
N ASN A 212 -4.95 -5.31 -2.38
CA ASN A 212 -3.82 -4.43 -2.59
C ASN A 212 -4.37 -3.10 -3.13
N GLN A 213 -4.29 -2.05 -2.34
CA GLN A 213 -4.84 -0.78 -2.81
C GLN A 213 -4.09 -0.19 -3.99
N PHE A 214 -2.85 -0.60 -4.20
CA PHE A 214 -2.04 -0.18 -5.36
C PHE A 214 -1.86 -1.34 -6.40
N ASN A 215 -2.82 -2.23 -6.45
CA ASN A 215 -2.71 -3.40 -7.34
C ASN A 215 -2.26 -3.06 -8.77
N PHE A 216 -2.91 -2.12 -9.42
CA PHE A 216 -2.63 -1.85 -10.81
C PHE A 216 -1.24 -1.21 -10.94
N ALA A 217 -0.96 -0.23 -10.11
CA ALA A 217 0.38 0.40 -10.09
C ALA A 217 1.51 -0.62 -9.86
N SER A 218 1.26 -1.61 -9.05
CA SER A 218 2.23 -2.63 -8.75
C SER A 218 2.56 -3.47 -9.96
N ASP A 219 1.59 -3.69 -10.85
CA ASP A 219 1.81 -4.26 -12.11
C ASP A 219 2.66 -3.38 -13.03
N ILE A 220 2.29 -2.14 -13.16
CA ILE A 220 2.90 -1.25 -14.16
C ILE A 220 4.33 -0.93 -13.85
N MSE A 221 4.66 -0.86 -12.58
CA MSE A 221 6.00 -0.51 -12.17
C MSE A 221 7.03 -1.60 -12.39
O MSE A 221 8.25 -1.35 -12.33
CB MSE A 221 5.96 -0.12 -10.70
CG MSE A 221 5.69 -1.24 -9.74
SE MSE A 221 5.84 -0.57 -7.90
CE MSE A 221 7.69 -0.72 -7.61
N GLU A 222 6.59 -2.80 -12.64
CA GLU A 222 7.48 -3.92 -12.66
C GLU A 222 8.83 -3.74 -13.49
N PRO A 223 8.78 -3.22 -14.68
CA PRO A 223 10.00 -3.09 -15.45
C PRO A 223 10.97 -2.09 -14.91
N PHE A 224 10.53 -1.29 -13.96
CA PHE A 224 11.38 -0.22 -13.46
C PHE A 224 12.19 -0.62 -12.24
N ARG A 225 11.77 -1.73 -11.63
CA ARG A 225 12.39 -2.13 -10.44
C ARG A 225 13.95 -2.27 -10.52
N PRO A 226 14.48 -2.75 -11.62
CA PRO A 226 15.95 -2.84 -11.67
C PRO A 226 16.70 -1.49 -11.64
N LEU A 227 16.01 -0.37 -11.86
CA LEU A 227 16.65 0.93 -11.57
C LEU A 227 17.07 1.01 -10.10
N VAL A 228 16.21 0.51 -9.23
CA VAL A 228 16.49 0.48 -7.84
C VAL A 228 17.53 -0.61 -7.48
N ASP A 229 17.34 -1.82 -8.02
CA ASP A 229 18.26 -2.92 -7.79
C ASP A 229 19.71 -2.47 -8.01
N LYS A 230 19.93 -1.77 -9.11
CA LYS A 230 21.20 -1.31 -9.46
C LYS A 230 21.81 -0.38 -8.46
N ILE A 231 21.05 0.61 -8.01
CA ILE A 231 21.57 1.49 -6.96
C ILE A 231 21.88 0.75 -5.68
N VAL A 232 21.01 -0.16 -5.27
CA VAL A 232 21.23 -0.84 -4.03
C VAL A 232 22.48 -1.75 -4.18
N TYR A 233 22.60 -2.44 -5.30
CA TYR A 233 23.81 -3.19 -5.64
C TYR A 233 25.08 -2.35 -5.60
N GLU A 234 25.09 -1.23 -6.29
CA GLU A 234 26.21 -0.32 -6.21
C GLU A 234 26.53 0.17 -4.79
N ASN A 235 25.58 0.17 -3.88
CA ASN A 235 25.82 0.62 -2.53
C ASN A 235 25.60 -0.48 -1.53
N ARG A 236 25.83 -1.71 -1.97
CA ARG A 236 25.49 -2.88 -1.14
C ARG A 236 26.29 -3.03 0.18
N ASN A 237 27.42 -2.32 0.31
CA ASN A 237 28.20 -2.33 1.54
C ASN A 237 28.03 -1.03 2.34
N GLN A 238 27.06 -0.22 1.97
CA GLN A 238 26.82 1.00 2.65
C GLN A 238 25.74 0.87 3.70
N PRO A 239 25.72 1.80 4.67
CA PRO A 239 24.60 1.91 5.61
C PRO A 239 23.28 2.40 4.92
N PHE A 240 22.15 1.97 5.46
CA PHE A 240 20.85 2.39 4.98
C PHE A 240 20.74 3.89 4.62
N PRO A 241 21.20 4.82 5.48
CA PRO A 241 20.98 6.23 5.08
C PRO A 241 21.65 6.58 3.83
N LYS A 242 22.78 5.98 3.57
CA LYS A 242 23.48 6.26 2.33
C LYS A 242 22.74 5.65 1.10
N ILE A 243 22.20 4.47 1.30
CA ILE A 243 21.46 3.79 0.28
C ILE A 243 20.22 4.64 -0.07
N LYS A 244 19.54 5.15 0.95
CA LYS A 244 18.39 6.08 0.73
C LYS A 244 18.80 7.33 -0.02
N ARG A 245 19.91 7.92 0.35
CA ARG A 245 20.38 9.11 -0.35
C ARG A 245 20.63 8.78 -1.81
N GLU A 246 21.26 7.64 -2.10
CA GLU A 246 21.50 7.31 -3.50
C GLU A 246 20.21 6.97 -4.26
N LEU A 247 19.24 6.36 -3.60
CA LEU A 247 18.01 6.05 -4.26
C LEU A 247 17.30 7.35 -4.70
N PHE A 248 17.36 8.37 -3.83
CA PHE A 248 16.83 9.67 -4.16
C PHE A 248 17.43 10.25 -5.45
N THR A 249 18.67 9.94 -5.80
CA THR A 249 19.19 10.41 -7.11
C THR A 249 18.53 9.90 -8.40
N LEU A 250 17.67 8.91 -8.31
CA LEU A 250 16.81 8.54 -9.43
C LEU A 250 16.10 9.76 -9.95
N PHE A 251 15.54 10.53 -9.01
CA PHE A 251 14.62 11.63 -9.31
C PHE A 251 15.22 12.85 -9.92
N SER A 252 16.43 12.78 -10.40
CA SER A 252 17.08 13.94 -10.93
C SER A 252 18.00 13.50 -12.05
N ASP A 253 18.14 12.19 -12.20
CA ASP A 253 18.85 11.63 -13.33
C ASP A 253 17.84 11.56 -14.49
N THR A 254 18.44 11.48 -15.65
CA THR A 254 17.75 11.13 -16.83
C THR A 254 17.98 9.66 -17.17
N PHE A 255 16.99 9.07 -17.84
CA PHE A 255 17.16 7.73 -18.37
C PHE A 255 16.74 7.68 -19.79
N SER A 256 17.30 6.74 -20.53
CA SER A 256 16.96 6.66 -21.90
C SER A 256 15.55 6.01 -22.05
N TYR A 257 14.72 6.63 -22.88
CA TYR A 257 13.40 6.14 -23.07
C TYR A 257 12.84 6.67 -24.37
N ASN A 258 12.27 5.78 -25.19
CA ASN A 258 11.60 6.20 -26.41
C ASN A 258 12.54 7.15 -27.23
N GLY A 259 13.81 6.75 -27.33
CA GLY A 259 14.83 7.50 -28.06
C GLY A 259 15.60 8.59 -27.34
N LYS A 260 15.06 9.13 -26.26
CA LYS A 260 15.60 10.38 -25.66
C LYS A 260 16.04 10.15 -24.27
N GLU A 261 16.67 11.14 -23.68
CA GLU A 261 17.03 11.05 -22.28
C GLU A 261 16.00 11.88 -21.54
N MSE A 262 15.34 11.27 -20.57
CA MSE A 262 14.22 11.93 -19.91
C MSE A 262 14.23 11.71 -18.46
O MSE A 262 14.76 10.70 -17.99
CB MSE A 262 12.93 11.34 -20.43
CG MSE A 262 12.44 12.03 -21.66
SE MSE A 262 10.91 10.98 -22.37
CE MSE A 262 9.57 11.27 -20.98
N TYR A 263 13.67 12.63 -17.72
CA TYR A 263 13.54 12.48 -16.29
C TYR A 263 12.53 11.33 -15.95
N LEU A 264 12.80 10.64 -14.84
CA LEU A 264 12.08 9.46 -14.44
C LEU A 264 10.63 9.74 -14.24
N THR A 265 10.29 10.82 -13.51
CA THR A 265 8.92 11.24 -13.32
C THR A 265 8.13 11.34 -14.64
N ASN A 266 8.74 11.89 -15.69
CA ASN A 266 8.09 12.03 -16.96
C ASN A 266 7.94 10.70 -17.64
N ILE A 267 8.95 9.84 -17.50
CA ILE A 267 8.90 8.53 -18.07
C ILE A 267 7.75 7.78 -17.38
N ILE A 268 7.57 7.94 -16.06
CA ILE A 268 6.57 7.18 -15.35
C ILE A 268 5.18 7.58 -15.84
N SER A 269 5.04 8.89 -16.02
CA SER A 269 3.80 9.44 -16.45
C SER A 269 3.45 8.96 -17.88
N ASP A 270 4.44 8.99 -18.76
CA ASP A 270 4.22 8.54 -20.13
C ASP A 270 3.94 7.07 -20.20
N TYR A 271 4.72 6.26 -19.49
CA TYR A 271 4.57 4.81 -19.53
C TYR A 271 3.22 4.38 -19.01
N THR A 272 2.83 4.90 -17.86
CA THR A 272 1.54 4.60 -17.34
C THR A 272 0.41 4.96 -18.31
N LYS A 273 0.42 6.17 -18.83
CA LYS A 273 -0.68 6.56 -19.78
C LYS A 273 -0.70 5.63 -20.93
N LYS A 274 0.49 5.22 -21.44
CA LYS A 274 0.50 4.33 -22.60
C LYS A 274 0.10 2.93 -22.29
N VAL A 275 0.33 2.45 -21.09
CA VAL A 275 -0.18 1.12 -20.74
C VAL A 275 -1.73 1.21 -20.77
N VAL A 276 -2.26 2.27 -20.17
CA VAL A 276 -3.71 2.40 -20.09
C VAL A 276 -4.29 2.51 -21.51
N LYS A 277 -3.67 3.32 -22.33
CA LYS A 277 -4.12 3.45 -23.69
C LYS A 277 -4.06 2.10 -24.42
N ALA A 278 -3.03 1.30 -24.16
CA ALA A 278 -2.95 0.04 -24.81
C ALA A 278 -4.06 -0.91 -24.38
N LEU A 279 -4.32 -0.94 -23.09
CA LEU A 279 -5.38 -1.79 -22.54
C LEU A 279 -6.76 -1.37 -23.18
N ASN A 280 -6.93 -0.06 -23.42
CA ASN A 280 -8.16 0.48 -23.97
C ASN A 280 -8.29 0.09 -25.44
N ASN A 281 -7.17 -0.29 -26.12
CA ASN A 281 -7.12 -0.55 -27.56
C ASN A 281 -6.64 -1.95 -27.85
N GLU A 282 -7.21 -2.91 -27.16
CA GLU A 282 -6.98 -4.32 -27.43
C GLU A 282 -5.59 -4.85 -27.15
N GLY A 283 -4.82 -4.21 -26.27
CA GLY A 283 -3.46 -4.67 -26.03
C GLY A 283 -2.41 -4.13 -26.97
N LYS A 284 -2.76 -3.19 -27.83
CA LYS A 284 -1.82 -2.73 -28.84
C LYS A 284 -1.04 -1.56 -28.35
N GLY A 285 0.26 -1.56 -28.61
CA GLY A 285 1.11 -0.39 -28.38
C GLY A 285 1.54 -0.31 -26.90
N VAL A 286 1.71 -1.46 -26.25
CA VAL A 286 2.23 -1.50 -24.88
C VAL A 286 3.60 -0.86 -24.89
N PRO A 287 3.80 0.20 -24.11
CA PRO A 287 5.13 0.84 -24.08
C PRO A 287 6.23 -0.09 -23.53
N GLU A 288 7.48 0.28 -23.79
CA GLU A 288 8.63 -0.49 -23.31
C GLU A 288 9.58 0.38 -22.57
N PHE A 289 10.06 -0.13 -21.46
CA PHE A 289 11.14 0.48 -20.76
C PHE A 289 12.31 -0.48 -20.62
N ARG A 290 13.48 -0.05 -21.07
CA ARG A 290 14.71 -0.88 -21.14
C ARG A 290 15.81 -0.19 -20.39
N ILE A 291 16.59 -0.95 -19.66
CA ILE A 291 17.89 -0.38 -19.14
C ILE A 291 19.12 -0.70 -20.01
N ALA B 4 -10.64 -1.56 26.85
CA ALA B 4 -9.55 -0.58 26.53
C ALA B 4 -9.89 0.14 25.21
N GLY B 5 -9.17 -0.20 24.12
CA GLY B 5 -9.59 0.12 22.75
C GLY B 5 -8.75 1.12 21.99
N TRP B 6 -7.45 0.90 22.00
CA TRP B 6 -6.44 1.82 21.38
C TRP B 6 -6.65 3.27 21.78
N ARG B 7 -5.63 3.88 22.32
CA ARG B 7 -5.77 5.23 22.77
C ARG B 7 -5.84 6.12 21.53
N THR B 8 -6.94 6.82 21.40
CA THR B 8 -7.28 7.59 20.25
C THR B 8 -7.45 9.00 20.67
N VAL B 9 -6.73 9.89 20.00
CA VAL B 9 -6.92 11.32 20.18
C VAL B 9 -7.68 11.88 18.99
N VAL B 10 -8.81 12.54 19.27
CA VAL B 10 -9.66 13.09 18.25
C VAL B 10 -9.53 14.56 18.30
N VAL B 11 -9.16 15.18 17.18
CA VAL B 11 -9.10 16.63 17.10
C VAL B 11 -10.16 17.11 16.16
N ASN B 12 -11.00 18.01 16.64
CA ASN B 12 -12.07 18.49 15.83
C ASN B 12 -12.44 19.91 16.10
N THR B 13 -11.51 20.66 16.61
CA THR B 13 -11.71 22.07 16.88
C THR B 13 -10.55 22.84 16.24
N HIS B 14 -10.76 24.12 16.07
CA HIS B 14 -9.83 25.06 15.53
C HIS B 14 -8.63 25.10 16.45
N SER B 15 -7.51 24.54 15.99
CA SER B 15 -6.41 24.25 16.88
C SER B 15 -5.05 24.20 16.29
N LYS B 16 -4.02 24.14 17.16
CA LYS B 16 -2.61 23.96 16.80
C LYS B 16 -2.04 22.76 17.48
N LEU B 17 -1.40 21.89 16.71
CA LEU B 17 -0.73 20.73 17.23
C LEU B 17 0.74 20.92 17.01
N SER B 18 1.54 20.77 18.05
CA SER B 18 2.96 20.91 18.00
C SER B 18 3.58 19.79 18.81
N TYR B 19 4.89 19.86 18.94
CA TYR B 19 5.68 18.85 19.60
C TYR B 19 6.78 19.44 20.45
N LYS B 20 6.91 18.94 21.67
CA LYS B 20 8.00 19.34 22.57
C LYS B 20 8.17 18.29 23.65
N ASN B 21 9.42 18.06 24.05
CA ASN B 21 9.75 17.14 25.13
C ASN B 21 8.91 15.90 25.20
N ASN B 22 8.92 15.15 24.12
CA ASN B 22 8.15 13.93 23.98
C ASN B 22 6.66 14.02 24.12
N HIS B 23 6.10 15.21 23.95
CA HIS B 23 4.68 15.38 24.02
C HIS B 23 4.05 15.93 22.75
N LEU B 24 2.90 15.44 22.43
CA LEU B 24 2.03 16.09 21.54
C LEU B 24 1.43 17.23 22.34
N ILE B 25 1.37 18.39 21.74
CA ILE B 25 0.81 19.57 22.33
C ILE B 25 -0.33 20.07 21.51
N PHE B 26 -1.49 20.16 22.14
CA PHE B 26 -2.69 20.58 21.51
C PHE B 26 -3.14 21.89 22.18
N LYS B 27 -3.50 22.89 21.38
CA LYS B 27 -4.03 24.16 21.86
C LYS B 27 -5.22 24.51 21.04
N ASP B 28 -6.34 24.73 21.70
CA ASP B 28 -7.51 25.40 21.14
C ASP B 28 -8.04 26.50 22.10
N ALA B 29 -9.18 27.08 21.82
CA ALA B 29 -9.63 28.23 22.62
C ALA B 29 -10.00 27.79 24.06
N TYR B 30 -10.41 26.53 24.25
CA TYR B 30 -10.82 25.94 25.52
C TYR B 30 -9.69 25.40 26.41
N LYS B 31 -8.74 24.65 25.83
CA LYS B 31 -7.67 24.08 26.55
C LYS B 31 -6.34 23.95 25.85
N THR B 32 -5.32 23.69 26.65
CA THR B 32 -4.06 23.21 26.23
C THR B 32 -3.93 21.84 26.80
N GLU B 33 -3.49 20.85 26.00
CA GLU B 33 -3.17 19.52 26.45
C GLU B 33 -1.77 19.12 26.04
N LEU B 34 -1.10 18.38 26.90
CA LEU B 34 0.18 17.83 26.65
C LEU B 34 0.05 16.40 26.90
N ILE B 35 0.27 15.60 25.86
CA ILE B 35 0.06 14.17 25.89
C ILE B 35 1.34 13.44 25.51
N HIS B 36 1.69 12.42 26.30
CA HIS B 36 2.93 11.70 26.10
C HIS B 36 2.71 10.93 24.77
N LEU B 37 3.53 11.23 23.82
CA LEU B 37 3.28 10.73 22.48
C LEU B 37 3.28 9.23 22.33
N SER B 38 4.14 8.55 23.04
CA SER B 38 4.17 7.12 23.01
C SER B 38 2.94 6.44 23.59
N GLU B 39 2.06 7.19 24.23
CA GLU B 39 0.83 6.57 24.65
C GLU B 39 -0.31 6.68 23.62
N ILE B 40 -0.11 7.41 22.52
CA ILE B 40 -1.17 7.59 21.52
C ILE B 40 -1.06 6.45 20.51
N ASP B 41 -2.20 5.89 20.14
CA ASP B 41 -2.23 4.91 19.09
C ASP B 41 -2.78 5.44 17.77
N ILE B 42 -3.80 6.25 17.84
CA ILE B 42 -4.38 6.80 16.67
C ILE B 42 -4.61 8.27 16.91
N LEU B 43 -4.26 9.08 15.92
CA LEU B 43 -4.60 10.50 15.95
C LEU B 43 -5.54 10.77 14.77
N LEU B 44 -6.76 11.16 15.06
CA LEU B 44 -7.77 11.45 14.07
C LEU B 44 -7.97 12.90 13.95
N LEU B 45 -7.59 13.44 12.79
CA LEU B 45 -7.72 14.90 12.56
C LEU B 45 -8.96 15.13 11.69
N GLU B 46 -10.03 15.53 12.33
CA GLU B 46 -11.35 15.33 11.75
C GLU B 46 -11.85 16.56 11.08
N THR B 47 -11.21 17.69 11.32
CA THR B 47 -11.66 18.95 10.74
C THR B 47 -10.54 19.64 9.98
N THR B 48 -10.93 20.65 9.20
CA THR B 48 -10.05 21.34 8.30
C THR B 48 -9.51 22.63 8.88
N ASP B 49 -9.67 22.86 10.17
CA ASP B 49 -9.16 24.09 10.81
C ASP B 49 -8.07 23.75 11.86
N ILE B 50 -7.32 22.72 11.54
CA ILE B 50 -6.17 22.29 12.34
C ILE B 50 -4.83 22.65 11.69
N VAL B 51 -3.88 23.20 12.42
CA VAL B 51 -2.48 23.31 11.95
C VAL B 51 -1.59 22.34 12.74
N LEU B 52 -0.61 21.70 12.08
CA LEU B 52 0.37 20.85 12.74
C LEU B 52 1.73 21.04 12.17
N SER B 53 2.76 20.63 12.92
CA SER B 53 4.12 20.82 12.47
C SER B 53 4.67 19.59 11.88
N THR B 54 5.65 19.74 10.98
CA THR B 54 6.35 18.58 10.44
C THR B 54 7.29 17.90 11.48
N MSE B 55 7.75 18.61 12.49
CA MSE B 55 8.41 17.95 13.70
C MSE B 55 7.40 17.00 14.32
O MSE B 55 7.71 15.85 14.55
CB MSE B 55 8.80 19.06 14.70
CG MSE B 55 9.52 18.47 15.98
SE MSE B 55 11.11 17.45 15.53
CE MSE B 55 12.17 19.03 15.62
N LEU B 56 6.13 17.41 14.53
CA LEU B 56 5.16 16.48 15.08
C LEU B 56 4.91 15.33 14.19
N VAL B 57 4.76 15.58 12.89
CA VAL B 57 4.57 14.43 11.96
C VAL B 57 5.72 13.46 12.05
N LYS B 58 6.92 13.99 12.01
CA LYS B 58 8.08 13.13 12.08
C LYS B 58 8.07 12.22 13.31
N ARG B 59 7.80 12.82 14.49
CA ARG B 59 7.72 12.06 15.75
C ARG B 59 6.58 11.08 15.80
N LEU B 60 5.45 11.44 15.21
CA LEU B 60 4.32 10.52 15.10
C LEU B 60 4.73 9.29 14.31
N VAL B 61 5.40 9.51 13.20
CA VAL B 61 5.85 8.39 12.40
C VAL B 61 6.85 7.57 13.19
N ASP B 62 7.82 8.25 13.83
CA ASP B 62 8.85 7.57 14.66
C ASP B 62 8.21 6.63 15.71
N GLU B 63 7.09 7.01 16.29
CA GLU B 63 6.40 6.28 17.37
C GLU B 63 5.27 5.42 16.84
N ASN B 64 5.16 5.29 15.52
CA ASN B 64 4.18 4.37 14.98
C ASN B 64 2.72 4.70 15.32
N VAL B 65 2.39 5.98 15.37
CA VAL B 65 1.00 6.42 15.62
C VAL B 65 0.24 6.43 14.29
N LEU B 66 -0.90 5.80 14.20
CA LEU B 66 -1.69 5.89 12.97
C LEU B 66 -2.32 7.27 12.90
N VAL B 67 -1.92 8.08 11.91
CA VAL B 67 -2.50 9.41 11.70
C VAL B 67 -3.45 9.44 10.51
N ILE B 68 -4.66 9.92 10.74
CA ILE B 68 -5.65 9.99 9.73
C ILE B 68 -6.20 11.38 9.57
N PHE B 69 -6.30 11.83 8.33
CA PHE B 69 -6.79 13.18 8.00
C PHE B 69 -8.15 13.02 7.37
N CYS B 70 -9.06 13.92 7.66
CA CYS B 70 -10.44 13.81 7.21
C CYS B 70 -10.78 14.94 6.23
N ASP B 71 -11.86 14.74 5.51
CA ASP B 71 -12.31 15.78 4.57
C ASP B 71 -13.27 16.76 5.30
N ASP B 72 -14.15 17.40 4.52
CA ASP B 72 -15.08 18.45 4.99
C ASP B 72 -16.27 17.84 5.76
N LYS B 73 -16.49 16.55 5.63
CA LYS B 73 -17.52 15.85 6.41
C LYS B 73 -17.01 15.02 7.58
N ARG B 74 -15.75 15.20 7.99
CA ARG B 74 -15.17 14.43 9.12
C ARG B 74 -15.07 12.94 8.82
N LEU B 75 -14.84 12.67 7.55
CA LEU B 75 -14.57 11.30 7.05
C LEU B 75 -13.14 11.15 6.57
N PRO B 76 -12.51 10.02 6.94
CA PRO B 76 -11.17 9.74 6.46
C PRO B 76 -11.05 9.94 5.01
N THR B 77 -10.02 10.67 4.62
CA THR B 77 -9.72 10.91 3.27
C THR B 77 -8.28 10.50 3.02
N ALA B 78 -7.40 10.46 4.06
CA ALA B 78 -6.01 10.09 3.84
C ALA B 78 -5.32 9.71 5.14
N MSE B 79 -4.20 9.04 5.03
CA MSE B 79 -3.44 8.80 6.20
C MSE B 79 -2.03 9.02 5.93
O MSE B 79 -1.61 9.06 4.76
CB MSE B 79 -3.58 7.35 6.63
CG MSE B 79 -3.12 6.34 5.60
SE MSE B 79 -3.06 4.51 6.48
CE MSE B 79 -1.18 3.97 6.23
N LEU B 80 -1.25 9.14 6.98
CA LEU B 80 0.16 9.18 6.83
C LEU B 80 0.64 7.78 6.62
N MSE B 81 1.32 7.58 5.51
CA MSE B 81 1.91 6.24 5.24
C MSE B 81 3.36 6.24 5.28
O MSE B 81 3.99 6.80 4.39
CB MSE B 81 1.53 5.78 3.85
CG MSE B 81 2.09 4.37 3.58
SE MSE B 81 1.78 3.83 1.67
CE MSE B 81 3.56 4.46 1.15
N PRO B 82 3.98 5.61 6.29
CA PRO B 82 5.43 5.65 6.29
C PRO B 82 5.98 4.67 5.23
N PHE B 83 7.16 4.93 4.72
CA PHE B 83 7.72 4.13 3.67
C PHE B 83 8.20 2.79 4.27
N TYR B 84 8.69 2.83 5.50
CA TYR B 84 9.14 1.60 6.15
C TYR B 84 8.79 1.69 7.62
N GLY B 85 8.62 0.53 8.25
CA GLY B 85 8.39 0.45 9.66
C GLY B 85 9.68 0.63 10.45
N ARG B 86 9.57 1.30 11.59
CA ARG B 86 10.71 1.40 12.52
C ARG B 86 10.64 0.32 13.61
N HIS B 87 11.77 -0.36 13.83
CA HIS B 87 11.87 -1.38 14.88
C HIS B 87 13.06 -1.08 15.82
N ASP B 88 12.89 -1.31 17.11
CA ASP B 88 13.99 -1.17 18.08
C ASP B 88 14.99 -2.30 17.90
N SER B 89 14.44 -3.49 17.67
CA SER B 89 15.19 -4.75 17.64
C SER B 89 14.92 -5.52 16.32
N SER B 90 15.96 -6.15 15.78
CA SER B 90 15.84 -6.95 14.54
C SER B 90 15.72 -8.46 14.79
N LEU B 91 15.43 -8.87 16.01
CA LEU B 91 15.29 -10.30 16.28
C LEU B 91 14.06 -10.90 15.52
N GLN B 92 12.92 -10.20 15.56
CA GLN B 92 11.73 -10.73 14.93
C GLN B 92 11.87 -10.73 13.40
N LEU B 93 12.58 -9.73 12.90
CA LEU B 93 12.85 -9.63 11.51
C LEU B 93 13.66 -10.84 10.97
N GLY B 94 14.73 -11.22 11.65
CA GLY B 94 15.42 -12.51 11.37
C GLY B 94 14.52 -13.73 11.37
N LYS B 95 13.65 -13.84 12.37
CA LYS B 95 12.68 -14.93 12.39
C LYS B 95 11.83 -14.93 11.12
N GLN B 96 11.38 -13.74 10.70
CA GLN B 96 10.46 -13.66 9.56
C GLN B 96 11.22 -14.11 8.31
N MSE B 97 12.48 -13.74 8.20
CA MSE B 97 13.24 -14.14 7.01
C MSE B 97 13.60 -15.64 7.05
O MSE B 97 14.05 -16.17 6.08
CB MSE B 97 14.48 -13.26 6.92
CG MSE B 97 14.27 -11.77 6.77
SE MSE B 97 13.28 -11.35 5.13
CE MSE B 97 11.81 -10.42 5.96
N SER B 98 13.35 -16.32 8.17
CA SER B 98 13.66 -17.73 8.32
C SER B 98 12.48 -18.70 8.39
N TRP B 99 11.28 -18.18 8.47
CA TRP B 99 10.12 -19.06 8.46
C TRP B 99 10.15 -19.93 7.21
N SER B 100 10.01 -21.23 7.40
CA SER B 100 10.00 -22.14 6.26
C SER B 100 8.77 -21.92 5.36
N GLU B 101 8.89 -22.31 4.10
CA GLU B 101 7.76 -22.34 3.14
C GLU B 101 6.63 -23.21 3.61
N THR B 102 6.95 -24.31 4.27
CA THR B 102 5.95 -25.22 4.78
C THR B 102 5.09 -24.55 5.86
N VAL B 103 5.76 -23.84 6.75
CA VAL B 103 5.10 -23.19 7.87
C VAL B 103 4.34 -21.96 7.40
N LYS B 104 4.92 -21.17 6.51
CA LYS B 104 4.22 -20.00 5.93
C LYS B 104 2.97 -20.39 5.13
N SER B 105 3.12 -21.40 4.28
CA SER B 105 2.00 -21.96 3.51
C SER B 105 0.91 -22.51 4.41
N GLN B 106 1.30 -23.12 5.51
CA GLN B 106 0.30 -23.73 6.35
C GLN B 106 -0.53 -22.68 7.05
N VAL B 107 0.17 -21.69 7.62
CA VAL B 107 -0.45 -20.58 8.34
C VAL B 107 -1.35 -19.79 7.38
N TRP B 108 -0.83 -19.50 6.19
CA TRP B 108 -1.58 -18.81 5.19
C TRP B 108 -2.91 -19.52 4.95
N THR B 109 -2.82 -20.83 4.76
CA THR B 109 -3.98 -21.65 4.40
C THR B 109 -5.02 -21.67 5.56
N THR B 110 -4.51 -21.73 6.77
CA THR B 110 -5.39 -21.67 7.91
C THR B 110 -6.14 -20.32 7.95
N ILE B 111 -5.42 -19.26 7.66
CA ILE B 111 -6.01 -17.94 7.76
C ILE B 111 -7.08 -17.80 6.66
N ILE B 112 -6.73 -18.22 5.47
CA ILE B 112 -7.65 -18.09 4.35
C ILE B 112 -8.88 -18.92 4.55
N ALA B 113 -8.71 -20.08 5.17
CA ALA B 113 -9.85 -20.91 5.49
C ALA B 113 -10.85 -20.15 6.34
N GLN B 114 -10.35 -19.41 7.33
CA GLN B 114 -11.23 -18.64 8.19
C GLN B 114 -12.04 -17.60 7.41
N LYS B 115 -11.43 -17.00 6.39
CA LYS B 115 -12.13 -16.05 5.58
C LYS B 115 -13.26 -16.77 4.85
N ILE B 116 -12.92 -17.85 4.20
CA ILE B 116 -13.90 -18.59 3.39
C ILE B 116 -15.09 -19.05 4.26
N LEU B 117 -14.78 -19.60 5.43
CA LEU B 117 -15.79 -19.90 6.42
C LEU B 117 -16.66 -18.71 6.76
N ASN B 118 -16.02 -17.58 7.02
CA ASN B 118 -16.77 -16.37 7.31
C ASN B 118 -17.67 -15.94 6.13
N GLN B 119 -17.19 -16.12 4.93
CA GLN B 119 -18.01 -15.81 3.77
C GLN B 119 -19.27 -16.70 3.69
N SER B 120 -19.10 -17.99 3.93
CA SER B 120 -20.25 -18.91 4.08
C SER B 120 -21.20 -18.49 5.21
N CYS B 121 -20.68 -18.32 6.39
CA CYS B 121 -21.50 -17.93 7.50
C CYS B 121 -22.25 -16.65 7.25
N TYR B 122 -21.68 -15.73 6.48
CA TYR B 122 -22.38 -14.45 6.30
C TYR B 122 -23.51 -14.63 5.31
N LEU B 123 -23.26 -15.35 4.24
CA LEU B 123 -24.33 -15.67 3.31
C LEU B 123 -25.48 -16.37 4.03
N GLY B 124 -25.15 -17.29 4.93
CA GLY B 124 -26.13 -17.95 5.80
C GLY B 124 -26.94 -16.98 6.64
N ALA B 125 -26.28 -16.01 7.27
CA ALA B 125 -26.99 -14.98 8.01
C ALA B 125 -27.89 -14.11 7.12
N CYS B 126 -27.59 -14.01 5.84
CA CYS B 126 -28.47 -13.25 4.93
C CYS B 126 -29.57 -14.09 4.28
N SER B 127 -29.64 -15.35 4.70
CA SER B 127 -30.62 -16.33 4.21
C SER B 127 -30.38 -16.81 2.79
N TYR B 128 -29.16 -16.69 2.29
CA TYR B 128 -28.81 -17.32 1.04
C TYR B 128 -28.26 -18.73 1.31
N PHE B 129 -29.17 -19.63 1.69
CA PHE B 129 -28.78 -20.91 2.29
C PHE B 129 -28.05 -21.82 1.29
N GLU B 130 -28.51 -21.88 0.07
CA GLU B 130 -27.86 -22.69 -0.95
C GLU B 130 -26.44 -22.22 -1.29
N LYS B 131 -26.32 -20.94 -1.61
CA LYS B 131 -25.01 -20.34 -1.91
C LYS B 131 -24.05 -20.52 -0.73
N SER B 132 -24.54 -20.27 0.48
CA SER B 132 -23.75 -20.52 1.67
C SER B 132 -23.15 -21.94 1.70
N GLN B 133 -23.95 -22.93 1.32
CA GLN B 133 -23.53 -24.32 1.32
C GLN B 133 -22.50 -24.59 0.21
N SER B 134 -22.70 -23.98 -0.96
CA SER B 134 -21.68 -24.07 -2.04
C SER B 134 -20.29 -23.63 -1.56
N ILE B 135 -20.26 -22.59 -0.70
CA ILE B 135 -18.99 -22.06 -0.19
C ILE B 135 -18.46 -23.01 0.85
N MSE B 136 -19.38 -23.52 1.64
CA MSE B 136 -19.05 -24.55 2.63
C MSE B 136 -18.39 -25.76 2.01
O MSE B 136 -17.46 -26.32 2.60
CB MSE B 136 -20.32 -24.89 3.37
CG MSE B 136 -19.96 -25.55 4.68
SE MSE B 136 -19.12 -24.22 5.85
CE MSE B 136 -18.35 -25.34 7.30
N ASP B 137 -18.83 -26.16 0.83
CA ASP B 137 -18.18 -27.28 0.12
C ASP B 137 -16.77 -26.94 -0.33
N LEU B 138 -16.56 -25.69 -0.73
CA LEU B 138 -15.23 -25.24 -1.12
C LEU B 138 -14.28 -25.21 0.07
N TYR B 139 -14.78 -24.71 1.19
CA TYR B 139 -14.02 -24.74 2.43
C TYR B 139 -13.49 -26.13 2.79
N HIS B 140 -14.39 -27.12 2.78
CA HIS B 140 -14.02 -28.50 3.12
C HIS B 140 -13.02 -29.08 2.13
N GLY B 141 -13.09 -28.65 0.88
CA GLY B 141 -12.14 -29.07 -0.16
C GLY B 141 -10.76 -28.40 -0.21
N LEU B 142 -10.56 -27.41 0.65
CA LEU B 142 -9.39 -26.54 0.58
C LEU B 142 -8.08 -27.29 0.87
N GLU B 143 -7.07 -27.06 0.04
CA GLU B 143 -5.76 -27.64 0.31
C GLU B 143 -4.66 -26.62 0.35
N ASN B 144 -3.55 -27.02 0.94
CA ASN B 144 -2.42 -26.18 1.20
C ASN B 144 -2.11 -25.24 0.04
N PHE B 145 -2.09 -23.93 0.32
CA PHE B 145 -1.76 -22.87 -0.68
C PHE B 145 -2.78 -22.76 -1.80
N ASP B 146 -3.89 -23.47 -1.68
CA ASP B 146 -5.01 -23.37 -2.64
C ASP B 146 -4.63 -23.19 -4.10
N PRO B 147 -3.91 -24.17 -4.69
CA PRO B 147 -3.59 -24.09 -6.11
C PRO B 147 -4.81 -24.14 -7.06
N SER B 148 -5.83 -24.94 -6.77
CA SER B 148 -7.03 -24.95 -7.65
C SER B 148 -7.89 -23.66 -7.50
N ASN B 149 -7.52 -22.79 -6.56
CA ASN B 149 -8.14 -21.49 -6.40
C ASN B 149 -9.59 -21.62 -6.00
N ARG B 150 -9.82 -22.46 -5.00
CA ARG B 150 -11.12 -22.53 -4.36
C ARG B 150 -11.50 -21.19 -3.74
N GLU B 151 -10.47 -20.46 -3.26
CA GLU B 151 -10.66 -19.12 -2.66
C GLU B 151 -11.36 -18.21 -3.66
N GLY B 152 -10.89 -18.23 -4.91
CA GLY B 152 -11.47 -17.37 -5.97
C GLY B 152 -12.89 -17.79 -6.36
N HIS B 153 -13.11 -19.09 -6.40
CA HIS B 153 -14.43 -19.64 -6.69
C HIS B 153 -15.42 -19.21 -5.58
N ALA B 154 -15.02 -19.39 -4.33
CA ALA B 154 -15.85 -18.96 -3.22
C ALA B 154 -16.18 -17.46 -3.30
N ALA B 155 -15.18 -16.64 -3.66
CA ALA B 155 -15.35 -15.20 -3.70
C ALA B 155 -16.32 -14.79 -4.80
N ARG B 156 -16.21 -15.46 -5.93
CA ARG B 156 -17.06 -15.19 -7.08
C ARG B 156 -18.53 -15.46 -6.70
N ILE B 157 -18.77 -16.60 -6.09
CA ILE B 157 -20.12 -16.93 -5.54
C ILE B 157 -20.65 -15.90 -4.52
N TYR B 158 -19.80 -15.58 -3.56
CA TYR B 158 -20.06 -14.67 -2.45
C TYR B 158 -20.40 -13.27 -2.96
N PHE B 159 -19.51 -12.67 -3.72
CA PHE B 159 -19.77 -11.27 -4.15
C PHE B 159 -20.94 -11.19 -5.12
N ASN B 160 -21.08 -12.18 -6.02
CA ASN B 160 -22.23 -12.19 -6.93
C ASN B 160 -23.52 -12.29 -6.16
N THR B 161 -23.56 -13.11 -5.11
CA THR B 161 -24.79 -13.25 -4.33
C THR B 161 -25.19 -11.95 -3.62
N LEU B 162 -24.21 -11.33 -2.97
CA LEU B 162 -24.46 -10.14 -2.20
C LEU B 162 -24.73 -8.96 -3.05
N PHE B 163 -24.01 -8.81 -4.14
CA PHE B 163 -23.97 -7.52 -4.82
C PHE B 163 -24.22 -7.58 -6.32
N GLY B 164 -24.35 -8.78 -6.86
CA GLY B 164 -24.64 -8.86 -8.29
C GLY B 164 -23.37 -8.69 -9.13
N ASN B 165 -23.53 -8.30 -10.37
CA ASN B 165 -22.44 -8.28 -11.30
C ASN B 165 -21.61 -6.97 -11.21
N ASP B 166 -20.62 -6.86 -12.06
CA ASP B 166 -19.70 -5.76 -11.99
C ASP B 166 -20.39 -4.45 -12.27
N PHE B 167 -21.35 -4.47 -13.20
CA PHE B 167 -22.10 -3.28 -13.56
C PHE B 167 -22.74 -2.78 -12.30
N SER B 168 -23.26 -3.69 -11.49
CA SER B 168 -23.96 -3.27 -10.28
C SER B 168 -23.03 -2.75 -9.20
N ARG B 169 -21.83 -3.35 -9.10
CA ARG B 169 -20.79 -2.95 -8.15
C ARG B 169 -20.01 -1.71 -8.51
N ASP B 170 -19.96 -1.38 -9.77
CA ASP B 170 -19.18 -0.23 -10.25
C ASP B 170 -19.94 0.99 -10.72
N LEU B 171 -21.05 0.82 -11.43
CA LEU B 171 -21.78 1.96 -11.97
C LEU B 171 -23.09 2.22 -11.32
N GLU B 172 -23.83 1.17 -11.04
CA GLU B 172 -25.15 1.30 -10.53
C GLU B 172 -25.12 1.71 -9.07
N HIS B 173 -24.20 1.15 -8.29
CA HIS B 173 -24.09 1.39 -6.85
C HIS B 173 -22.59 1.51 -6.52
N PRO B 174 -22.23 2.23 -5.48
CA PRO B 174 -20.79 2.42 -5.16
C PRO B 174 -20.23 1.29 -4.28
N ILE B 175 -20.41 0.04 -4.71
CA ILE B 175 -20.08 -1.09 -3.87
C ILE B 175 -18.55 -1.34 -3.83
N ASN B 176 -17.92 -1.42 -5.00
CA ASN B 176 -16.54 -1.67 -5.05
C ASN B 176 -15.82 -0.49 -4.43
N ALA B 177 -16.35 0.71 -4.58
CA ALA B 177 -15.66 1.84 -3.90
C ALA B 177 -15.79 1.69 -2.41
N GLY B 178 -16.97 1.29 -1.98
CA GLY B 178 -17.21 1.06 -0.56
C GLY B 178 -16.25 0.00 -0.03
N LEU B 179 -16.14 -1.10 -0.73
CA LEU B 179 -15.36 -2.21 -0.20
C LEU B 179 -13.88 -1.77 -0.11
N ASP B 180 -13.43 -1.06 -1.14
CA ASP B 180 -12.12 -0.54 -1.26
C ASP B 180 -11.80 0.38 -0.07
N TYR B 181 -12.69 1.31 0.20
CA TYR B 181 -12.52 2.25 1.29
C TYR B 181 -12.39 1.49 2.58
N GLY B 182 -13.25 0.53 2.77
CA GLY B 182 -13.24 -0.21 4.03
C GLY B 182 -12.04 -1.09 4.21
N TYR B 183 -11.66 -1.79 3.16
CA TYR B 183 -10.52 -2.65 3.25
C TYR B 183 -9.25 -1.81 3.53
N THR B 184 -9.12 -0.63 2.94
CA THR B 184 -7.94 0.18 3.21
C THR B 184 -7.96 0.64 4.69
N LEU B 185 -9.12 1.06 5.20
CA LEU B 185 -9.19 1.46 6.61
C LEU B 185 -8.78 0.32 7.46
N LEU B 186 -9.33 -0.85 7.18
CA LEU B 186 -9.02 -2.02 8.03
C LEU B 186 -7.55 -2.35 7.90
N LEU B 187 -7.06 -2.29 6.66
CA LEU B 187 -5.67 -2.71 6.45
C LEU B 187 -4.70 -1.79 7.22
N SER B 188 -5.07 -0.55 7.36
CA SER B 188 -4.15 0.38 8.07
C SER B 188 -3.85 -0.05 9.52
N MSE B 189 -4.84 -0.64 10.16
CA MSE B 189 -4.66 -1.10 11.52
C MSE B 189 -3.80 -2.33 11.57
O MSE B 189 -2.96 -2.46 12.44
CB MSE B 189 -6.03 -1.32 12.14
CG MSE B 189 -6.73 0.04 12.35
SE MSE B 189 -8.44 -0.28 13.25
CE MSE B 189 -9.51 -1.01 11.80
N PHE B 190 -4.05 -3.29 10.69
CA PHE B 190 -3.23 -4.46 10.60
C PHE B 190 -1.80 -4.08 10.32
N ALA B 191 -1.59 -3.16 9.39
CA ALA B 191 -0.24 -2.76 9.05
C ALA B 191 0.54 -2.21 10.27
N ARG B 192 -0.14 -1.40 11.04
CA ARG B 192 0.44 -0.89 12.26
C ARG B 192 0.81 -1.99 13.22
N GLU B 193 -0.06 -2.95 13.40
CA GLU B 193 0.26 -4.06 14.28
C GLU B 193 1.37 -4.94 13.78
N VAL B 194 1.47 -5.13 12.46
CA VAL B 194 2.60 -5.86 11.91
C VAL B 194 3.91 -5.14 12.23
N VAL B 195 3.89 -3.83 12.07
CA VAL B 195 5.09 -3.03 12.40
C VAL B 195 5.44 -3.13 13.91
N VAL B 196 4.42 -3.08 14.76
CA VAL B 196 4.63 -3.27 16.16
C VAL B 196 5.31 -4.59 16.39
N SER B 197 4.91 -5.65 15.70
CA SER B 197 5.52 -6.99 15.93
C SER B 197 7.00 -7.07 15.58
N GLY B 198 7.54 -6.11 14.84
CA GLY B 198 8.93 -6.16 14.40
C GLY B 198 9.15 -6.68 12.97
N CYS B 199 8.08 -7.08 12.31
CA CYS B 199 8.11 -7.60 10.95
C CYS B 199 7.98 -6.51 9.88
N MSE B 200 8.48 -6.84 8.70
CA MSE B 200 8.32 -6.04 7.50
C MSE B 200 6.97 -6.39 6.85
O MSE B 200 6.62 -7.57 6.69
CB MSE B 200 9.44 -6.31 6.56
CG MSE B 200 10.73 -5.65 7.00
SE MSE B 200 12.15 -5.96 5.61
CE MSE B 200 13.66 -4.88 6.39
N THR B 201 6.20 -5.36 6.52
CA THR B 201 4.85 -5.59 5.97
C THR B 201 4.97 -6.09 4.52
N GLN B 202 6.09 -5.78 3.85
CA GLN B 202 6.24 -6.03 2.44
C GLN B 202 6.43 -7.53 2.09
N PHE B 203 6.83 -8.31 3.07
CA PHE B 203 7.07 -9.73 2.88
C PHE B 203 5.95 -10.52 3.43
N GLY B 204 5.20 -11.22 2.57
CA GLY B 204 3.95 -11.87 2.99
C GLY B 204 4.15 -13.36 2.93
N LEU B 205 3.07 -14.14 3.03
CA LEU B 205 3.15 -15.53 3.27
C LEU B 205 3.01 -16.27 2.00
N LYS B 206 2.51 -15.61 0.97
CA LYS B 206 2.20 -16.32 -0.26
C LYS B 206 2.69 -15.56 -1.45
N HIS B 207 2.29 -14.29 -1.60
CA HIS B 207 2.76 -13.54 -2.82
C HIS B 207 4.08 -12.93 -2.63
N ALA B 208 4.88 -12.95 -3.69
CA ALA B 208 6.19 -12.39 -3.65
C ALA B 208 6.65 -11.68 -4.91
N ASN B 209 6.00 -11.92 -6.04
CA ASN B 209 6.62 -11.45 -7.26
C ASN B 209 6.49 -9.96 -7.51
N GLN B 210 5.26 -9.46 -7.34
CA GLN B 210 4.94 -8.06 -7.55
C GLN B 210 5.12 -7.34 -6.24
N PHE B 211 5.60 -6.09 -6.29
CA PHE B 211 5.75 -5.36 -5.01
C PHE B 211 4.42 -5.03 -4.44
N ASN B 212 4.22 -5.40 -3.19
CA ASN B 212 3.01 -5.15 -2.43
C ASN B 212 3.39 -4.55 -1.05
N GLN B 213 3.18 -3.25 -0.89
CA GLN B 213 3.68 -2.55 0.31
C GLN B 213 3.16 -3.18 1.61
N PHE B 214 1.92 -3.65 1.61
CA PHE B 214 1.26 -4.10 2.81
C PHE B 214 0.90 -5.56 2.77
N ASN B 215 1.64 -6.27 1.94
CA ASN B 215 1.49 -7.75 1.74
C ASN B 215 1.11 -8.57 2.94
N PHE B 216 1.94 -8.56 3.98
CA PHE B 216 1.74 -9.39 5.18
C PHE B 216 0.54 -8.95 5.93
N ALA B 217 0.34 -7.63 6.09
CA ALA B 217 -0.84 -7.14 6.80
C ALA B 217 -2.12 -7.58 6.06
N SER B 218 -2.02 -7.63 4.75
CA SER B 218 -3.12 -8.00 3.94
C SER B 218 -3.49 -9.49 4.07
N ASP B 219 -2.48 -10.36 4.14
CA ASP B 219 -2.71 -11.76 4.50
C ASP B 219 -3.48 -11.87 5.82
N ILE B 220 -3.00 -11.13 6.83
CA ILE B 220 -3.52 -11.27 8.19
C ILE B 220 -4.96 -10.79 8.29
N MSE B 221 -5.29 -9.74 7.55
CA MSE B 221 -6.64 -9.20 7.50
C MSE B 221 -7.64 -10.14 6.89
O MSE B 221 -8.87 -9.99 7.06
CB MSE B 221 -6.56 -7.96 6.57
CG MSE B 221 -7.88 -7.24 6.47
SE MSE B 221 -7.73 -5.61 5.36
CE MSE B 221 -6.99 -6.21 3.68
N GLU B 222 -7.19 -11.14 6.14
CA GLU B 222 -8.15 -11.90 5.30
C GLU B 222 -9.49 -12.30 6.00
N PRO B 223 -9.42 -12.92 7.17
CA PRO B 223 -10.68 -13.31 7.85
C PRO B 223 -11.56 -12.15 8.29
N PHE B 224 -11.01 -10.95 8.31
CA PHE B 224 -11.76 -9.83 8.85
C PHE B 224 -12.48 -9.07 7.72
N ARG B 225 -12.16 -9.41 6.47
CA ARG B 225 -12.74 -8.71 5.37
C ARG B 225 -14.26 -8.75 5.31
N PRO B 226 -14.86 -9.89 5.71
CA PRO B 226 -16.33 -9.88 5.71
C PRO B 226 -17.01 -8.88 6.69
N LEU B 227 -16.28 -8.34 7.68
CA LEU B 227 -16.83 -7.21 8.47
C LEU B 227 -17.12 -6.00 7.59
N VAL B 228 -16.32 -5.82 6.56
CA VAL B 228 -16.48 -4.66 5.74
C VAL B 228 -17.58 -5.01 4.76
N ASP B 229 -17.50 -6.20 4.19
CA ASP B 229 -18.52 -6.67 3.25
C ASP B 229 -19.92 -6.47 3.85
N LYS B 230 -20.06 -6.84 5.12
CA LYS B 230 -21.31 -6.78 5.82
C LYS B 230 -21.83 -5.37 5.92
N ILE B 231 -20.99 -4.44 6.38
CA ILE B 231 -21.41 -3.05 6.47
C ILE B 231 -21.82 -2.52 5.08
N VAL B 232 -21.08 -2.94 4.05
CA VAL B 232 -21.40 -2.44 2.75
C VAL B 232 -22.74 -3.05 2.28
N TYR B 233 -22.90 -4.36 2.40
CA TYR B 233 -24.19 -5.01 2.11
C TYR B 233 -25.39 -4.36 2.84
N GLU B 234 -25.23 -4.11 4.13
CA GLU B 234 -26.27 -3.43 4.91
C GLU B 234 -26.55 -2.04 4.36
N ASN B 235 -25.58 -1.42 3.69
CA ASN B 235 -25.79 -0.08 3.21
C ASN B 235 -25.76 -0.01 1.70
N ARG B 236 -26.07 -1.09 1.04
CA ARG B 236 -25.86 -1.18 -0.41
C ARG B 236 -26.66 -0.25 -1.29
N ASN B 237 -27.74 0.27 -0.74
CA ASN B 237 -28.56 1.27 -1.45
C ASN B 237 -28.38 2.67 -0.90
N GLN B 238 -27.41 2.89 -0.02
CA GLN B 238 -27.08 4.25 0.44
C GLN B 238 -26.05 4.99 -0.43
N PRO B 239 -26.06 6.33 -0.31
CA PRO B 239 -24.96 7.03 -0.95
C PRO B 239 -23.59 6.70 -0.31
N PHE B 240 -22.57 6.74 -1.15
CA PHE B 240 -21.20 6.54 -0.72
C PHE B 240 -20.84 7.23 0.61
N PRO B 241 -21.25 8.52 0.81
CA PRO B 241 -20.86 9.09 2.10
C PRO B 241 -21.42 8.37 3.28
N LYS B 242 -22.59 7.84 3.13
CA LYS B 242 -23.22 7.15 4.26
C LYS B 242 -22.47 5.82 4.48
N ILE B 243 -22.12 5.16 3.39
CA ILE B 243 -21.28 3.96 3.49
C ILE B 243 -19.93 4.28 4.19
N LYS B 244 -19.27 5.36 3.80
CA LYS B 244 -18.02 5.73 4.45
C LYS B 244 -18.19 5.95 5.91
N ARG B 245 -19.27 6.65 6.28
CA ARG B 245 -19.55 6.90 7.67
C ARG B 245 -19.74 5.63 8.47
N GLU B 246 -20.56 4.73 7.97
CA GLU B 246 -20.71 3.42 8.60
C GLU B 246 -19.39 2.60 8.71
N LEU B 247 -18.56 2.67 7.69
CA LEU B 247 -17.30 1.96 7.72
C LEU B 247 -16.27 2.59 8.72
N PHE B 248 -16.23 3.94 8.76
CA PHE B 248 -15.42 4.69 9.70
C PHE B 248 -15.73 4.35 11.16
N THR B 249 -16.90 3.74 11.48
CA THR B 249 -17.07 3.21 12.81
C THR B 249 -16.10 2.12 13.27
N LEU B 250 -15.38 1.51 12.33
CA LEU B 250 -14.50 0.38 12.66
C LEU B 250 -13.43 0.74 13.72
N PHE B 251 -13.02 1.99 13.75
CA PHE B 251 -12.07 2.47 14.78
C PHE B 251 -12.66 2.50 16.20
N SER B 252 -13.97 2.31 16.32
CA SER B 252 -14.63 2.29 17.63
C SER B 252 -15.79 1.28 17.67
N ASP B 253 -15.73 0.28 16.82
CA ASP B 253 -16.73 -0.79 16.82
C ASP B 253 -16.26 -1.92 17.73
N THR B 254 -17.21 -2.62 18.41
CA THR B 254 -16.92 -3.90 19.08
C THR B 254 -17.53 -5.20 18.50
N PHE B 255 -16.81 -6.30 18.68
CA PHE B 255 -17.16 -7.57 18.06
C PHE B 255 -16.84 -8.76 18.94
N SER B 256 -17.36 -9.92 18.58
CA SER B 256 -17.18 -11.11 19.36
C SER B 256 -15.92 -11.93 18.98
N TYR B 257 -15.10 -12.24 19.99
CA TYR B 257 -13.79 -12.86 19.80
C TYR B 257 -13.31 -13.55 21.08
N ASN B 258 -12.86 -14.80 20.99
CA ASN B 258 -12.54 -15.59 22.19
C ASN B 258 -13.68 -15.51 23.22
N GLY B 259 -14.91 -15.66 22.72
CA GLY B 259 -16.09 -15.64 23.56
C GLY B 259 -16.54 -14.34 24.24
N LYS B 260 -15.85 -13.23 24.00
CA LYS B 260 -16.17 -11.95 24.63
C LYS B 260 -16.43 -10.92 23.59
N GLU B 261 -16.97 -9.79 24.00
CA GLU B 261 -17.16 -8.66 23.11
C GLU B 261 -15.98 -7.74 23.31
N MSE B 262 -15.30 -7.38 22.22
CA MSE B 262 -14.11 -6.55 22.31
C MSE B 262 -14.05 -5.54 21.24
O MSE B 262 -14.61 -5.73 20.18
CB MSE B 262 -12.88 -7.40 22.13
CG MSE B 262 -12.42 -8.00 23.42
SE MSE B 262 -11.00 -9.26 22.95
CE MSE B 262 -9.51 -8.16 22.36
N TYR B 263 -13.32 -4.45 21.49
CA TYR B 263 -13.05 -3.45 20.46
C TYR B 263 -12.23 -4.08 19.31
N LEU B 264 -12.56 -3.66 18.08
CA LEU B 264 -11.93 -4.24 16.90
C LEU B 264 -10.43 -3.96 16.92
N THR B 265 -10.02 -2.75 17.27
CA THR B 265 -8.62 -2.48 17.48
C THR B 265 -7.89 -3.50 18.37
N ASN B 266 -8.47 -3.85 19.52
CA ASN B 266 -7.85 -4.81 20.44
C ASN B 266 -7.83 -6.21 19.82
N ILE B 267 -8.87 -6.55 19.08
CA ILE B 267 -8.88 -7.84 18.40
C ILE B 267 -7.75 -7.90 17.37
N ILE B 268 -7.60 -6.83 16.61
CA ILE B 268 -6.65 -6.84 15.49
C ILE B 268 -5.27 -6.97 16.07
N SER B 269 -5.07 -6.26 17.16
CA SER B 269 -3.79 -6.27 17.84
C SER B 269 -3.45 -7.65 18.42
N ASP B 270 -4.45 -8.29 19.04
CA ASP B 270 -4.25 -9.67 19.55
C ASP B 270 -4.07 -10.70 18.43
N TYR B 271 -4.92 -10.64 17.42
CA TYR B 271 -4.87 -11.59 16.32
C TYR B 271 -3.52 -11.50 15.57
N THR B 272 -3.04 -10.29 15.29
CA THR B 272 -1.81 -10.12 14.58
C THR B 272 -0.62 -10.67 15.39
N LYS B 273 -0.59 -10.32 16.66
CA LYS B 273 0.48 -10.75 17.57
C LYS B 273 0.49 -12.27 17.65
N LYS B 274 -0.67 -12.89 17.69
CA LYS B 274 -0.70 -14.37 17.71
C LYS B 274 -0.36 -15.02 16.36
N VAL B 275 -0.67 -14.39 15.23
CA VAL B 275 -0.26 -15.02 13.98
C VAL B 275 1.28 -15.06 13.93
N VAL B 276 1.91 -13.99 14.39
CA VAL B 276 3.37 -13.88 14.32
C VAL B 276 4.01 -14.90 15.28
N LYS B 277 3.40 -15.09 16.44
CA LYS B 277 3.87 -16.07 17.42
C LYS B 277 3.72 -17.49 16.85
N ALA B 278 2.59 -17.74 16.21
CA ALA B 278 2.35 -18.98 15.55
C ALA B 278 3.40 -19.31 14.47
N LEU B 279 3.72 -18.33 13.63
CA LEU B 279 4.72 -18.53 12.58
C LEU B 279 6.10 -18.82 13.15
N ASN B 280 6.40 -18.19 14.27
CA ASN B 280 7.62 -18.42 14.99
C ASN B 280 7.72 -19.81 15.61
N ASN B 281 6.57 -20.44 15.89
CA ASN B 281 6.46 -21.71 16.59
C ASN B 281 5.85 -22.77 15.69
N GLU B 282 6.41 -22.90 14.50
CA GLU B 282 6.13 -24.02 13.58
C GLU B 282 4.68 -24.10 13.05
N GLY B 283 3.90 -23.04 13.23
CA GLY B 283 2.53 -23.00 12.70
C GLY B 283 1.46 -23.29 13.72
N LYS B 284 1.84 -23.37 14.96
CA LYS B 284 0.95 -23.84 15.99
C LYS B 284 0.28 -22.67 16.64
N GLY B 285 -1.03 -22.77 16.88
CA GLY B 285 -1.76 -21.80 17.72
C GLY B 285 -2.18 -20.55 16.96
N VAL B 286 -2.53 -20.77 15.70
CA VAL B 286 -2.99 -19.72 14.82
C VAL B 286 -4.33 -19.29 15.35
N PRO B 287 -4.50 -17.99 15.60
CA PRO B 287 -5.74 -17.51 16.21
C PRO B 287 -6.89 -17.59 15.24
N GLU B 288 -8.09 -17.42 15.74
CA GLU B 288 -9.26 -17.64 14.93
C GLU B 288 -10.22 -16.51 15.12
N PHE B 289 -10.71 -15.98 14.00
CA PHE B 289 -11.73 -14.94 14.05
C PHE B 289 -12.93 -15.38 13.27
N ARG B 290 -14.11 -15.28 13.90
CA ARG B 290 -15.35 -15.70 13.27
C ARG B 290 -16.34 -14.58 13.36
N ILE B 291 -17.12 -14.42 12.31
CA ILE B 291 -18.25 -13.52 12.42
C ILE B 291 -19.43 -14.20 13.07
C1 GOL C . -8.48 6.25 -25.95
O1 GOL C . -9.60 5.39 -25.69
C2 GOL C . -7.29 5.86 -25.09
O2 GOL C . -7.69 4.97 -24.08
C3 GOL C . -6.65 7.08 -24.42
O3 GOL C . -6.26 6.84 -23.06
C1 GOL D . 17.63 -8.77 5.47
O1 GOL D . 16.44 -9.49 5.17
C2 GOL D . 17.39 -7.52 4.69
O2 GOL D . 18.36 -7.41 3.67
C3 GOL D . 17.20 -6.34 5.64
O3 GOL D . 17.25 -5.10 4.97
C1 GOL E . -15.62 -7.08 -4.93
O1 GOL E . -15.91 -6.89 -6.28
C2 GOL E . -14.42 -7.97 -4.70
O2 GOL E . -13.44 -7.78 -5.71
C3 GOL E . -13.75 -7.60 -3.41
O3 GOL E . -12.38 -7.53 -3.71
C1 GOL F . 6.48 -16.82 -0.26
O1 GOL F . 5.98 -17.89 0.55
C2 GOL F . 6.88 -15.62 0.60
O2 GOL F . 7.01 -16.08 1.94
C3 GOL F . 8.20 -15.00 0.13
O3 GOL F . 8.49 -13.76 0.78
C1 GOL G . -17.83 -10.53 -11.19
O1 GOL G . -18.45 -11.80 -11.32
C2 GOL G . -16.77 -10.43 -10.08
O2 GOL G . -15.52 -10.31 -10.70
C3 GOL G . -16.68 -11.61 -9.12
O3 GOL G . -15.77 -11.33 -8.05
C1 GOL H . 9.34 -7.42 -1.35
O1 GOL H . 10.32 -6.79 -2.18
C2 GOL H . 8.54 -8.41 -2.19
O2 GOL H . 8.55 -9.68 -1.52
C3 GOL H . 7.11 -7.93 -2.57
O3 GOL H . 6.22 -7.40 -1.55
#